data_4LA5
#
_entry.id   4LA5
#
_cell.length_a   99.451
_cell.length_b   99.451
_cell.length_c   104.891
_cell.angle_alpha   90.00
_cell.angle_beta   90.00
_cell.angle_gamma   90.00
#
_symmetry.space_group_name_H-M   'P 43 2 2'
#
loop_
_entity.id
_entity.type
_entity.pdbx_description
1 polymer '2-methylisoborneol synthase'
2 water water
#
_entity_poly.entity_id   1
_entity_poly.type   'polypeptide(L)'
_entity_poly.pdbx_seq_one_letter_code
;MGSSHHHHHHSSGLVPRGSHMMPDSGTLGTPPPEQGPTPPTTLPDVPAPVIPSASVTSAASDFLAALHPPVTVPDPAPPP
PPAPAAGNPPDTVTGDSVLQRILRGPTGPGTTSLAPAVRYGRQPGPEAPASAPPAAGRAVPGLYHHPVPEPDPVRVEEVS
RRIKRWAEDEVQLYPEEWEGQFDGFSVGRYMVGCHPDAPTVDHLMLATRLMVAENAVDDCYCEDHGGSPVGLGGRLLLAH
TAIDHFHSTAEYTPTWQASLAADAPRRAYDSAMGYFVRAATPSQSDRYRHDMARLHLGYLAEGAWAQTGHVPEVWEYLAM
RQFNNFRPCPTITDTVGGYELPADLHARPDMQRVIALAGNATTIVNDLYSYTKELNSPGRHLNLPVVIAEREQLCERDAY
LKAVEVHNELQHSFEAAAADLAEACPLPPVLRFLRGVAAWVDGNHDWHRTNTYRYSLPDFW
;
_entity_poly.pdbx_strand_id   A
#
# COMPACT_ATOMS: atom_id res chain seq x y z
N ALA A 132 -3.18 31.13 -2.35
CA ALA A 132 -2.95 30.45 -3.64
C ALA A 132 -2.12 29.11 -3.58
N PRO A 133 -2.71 28.03 -2.95
CA PRO A 133 -2.15 26.65 -2.91
C PRO A 133 -1.96 26.10 -4.34
N PRO A 134 -1.02 25.15 -4.56
CA PRO A 134 -0.77 24.76 -5.98
C PRO A 134 -2.05 24.36 -6.77
N ALA A 135 -1.99 24.48 -8.11
CA ALA A 135 -3.15 24.21 -9.00
C ALA A 135 -3.54 22.74 -8.93
N ALA A 136 -4.85 22.46 -8.71
CA ALA A 136 -5.42 21.09 -8.83
C ALA A 136 -4.83 20.27 -10.00
N GLY A 137 -4.18 19.15 -9.67
CA GLY A 137 -3.64 18.23 -10.66
C GLY A 137 -2.16 18.44 -10.68
N ARG A 138 -1.67 19.46 -9.99
CA ARG A 138 -0.20 19.63 -10.02
C ARG A 138 0.47 18.77 -8.91
N ALA A 139 1.70 18.34 -9.14
CA ALA A 139 2.46 17.60 -8.12
C ALA A 139 2.94 18.52 -6.99
N VAL A 140 3.24 17.95 -5.82
CA VAL A 140 3.89 18.66 -4.72
C VAL A 140 5.12 19.31 -5.30
N PRO A 141 5.22 20.65 -5.13
CA PRO A 141 6.44 21.28 -5.66
C PRO A 141 7.71 20.72 -5.01
N GLY A 142 8.74 20.42 -5.79
CA GLY A 142 10.00 19.94 -5.21
C GLY A 142 10.08 18.41 -4.96
N LEU A 143 8.96 17.72 -5.12
CA LEU A 143 8.96 16.26 -4.96
C LEU A 143 9.51 15.57 -6.23
N TYR A 144 10.60 14.78 -6.11
CA TYR A 144 11.18 14.00 -7.18
C TYR A 144 10.23 12.92 -7.63
N HIS A 145 9.84 12.92 -8.92
CA HIS A 145 8.92 11.89 -9.42
C HIS A 145 9.02 11.77 -10.95
N HIS A 146 8.36 10.75 -11.52
CA HIS A 146 8.42 10.40 -12.94
C HIS A 146 7.04 10.40 -13.54
N PRO A 147 6.88 11.16 -14.62
CA PRO A 147 5.55 11.24 -15.24
C PRO A 147 5.14 9.84 -15.73
N VAL A 148 3.84 9.58 -15.78
CA VAL A 148 3.42 8.34 -16.38
C VAL A 148 2.34 8.63 -17.44
N PRO A 149 2.22 7.70 -18.38
CA PRO A 149 1.18 7.77 -19.41
C PRO A 149 -0.21 7.67 -18.82
N GLU A 150 -1.19 8.16 -19.56
CA GLU A 150 -2.59 7.98 -19.21
C GLU A 150 -2.87 6.45 -19.04
N PRO A 151 -3.57 6.06 -17.97
CA PRO A 151 -3.90 4.64 -17.89
C PRO A 151 -4.91 4.20 -18.99
N ASP A 152 -4.67 3.07 -19.66
CA ASP A 152 -5.60 2.48 -20.68
C ASP A 152 -7.07 2.48 -20.18
N PRO A 153 -7.89 3.37 -20.74
CA PRO A 153 -9.28 3.61 -20.33
C PRO A 153 -10.10 2.39 -20.58
N VAL A 154 -9.76 1.59 -21.58
CA VAL A 154 -10.55 0.36 -21.73
C VAL A 154 -10.30 -0.56 -20.50
N ARG A 155 -9.02 -0.75 -20.14
CA ARG A 155 -8.75 -1.59 -18.96
C ARG A 155 -9.37 -0.98 -17.67
N VAL A 156 -9.32 0.36 -17.55
CA VAL A 156 -9.88 1.02 -16.29
C VAL A 156 -11.31 0.69 -16.16
N GLU A 157 -12.04 0.71 -17.30
CA GLU A 157 -13.47 0.56 -17.20
C GLU A 157 -13.76 -0.88 -16.92
N GLU A 158 -12.97 -1.77 -17.48
CA GLU A 158 -13.26 -3.14 -17.25
C GLU A 158 -12.98 -3.52 -15.73
N VAL A 159 -11.83 -3.07 -15.25
CA VAL A 159 -11.49 -3.37 -13.80
C VAL A 159 -12.65 -2.74 -12.94
N SER A 160 -13.10 -1.54 -13.32
CA SER A 160 -14.16 -0.95 -12.55
C SER A 160 -15.44 -1.75 -12.51
N ARG A 161 -15.81 -2.37 -13.66
CA ARG A 161 -17.01 -3.15 -13.57
C ARG A 161 -16.89 -4.41 -12.80
N ARG A 162 -15.79 -5.10 -13.00
CA ARG A 162 -15.59 -6.41 -12.32
C ARG A 162 -15.39 -6.21 -10.76
N ILE A 163 -14.72 -5.14 -10.42
CA ILE A 163 -14.49 -4.95 -8.90
C ILE A 163 -15.81 -4.58 -8.23
N LYS A 164 -16.62 -3.77 -8.93
CA LYS A 164 -17.97 -3.45 -8.38
C LYS A 164 -18.75 -4.68 -8.23
N ARG A 165 -18.76 -5.56 -9.25
CA ARG A 165 -19.52 -6.76 -9.12
C ARG A 165 -18.93 -7.70 -8.04
N TRP A 166 -17.60 -7.73 -7.93
CA TRP A 166 -17.05 -8.63 -6.85
C TRP A 166 -17.50 -8.07 -5.46
N ALA A 167 -17.33 -6.78 -5.32
CA ALA A 167 -17.72 -6.10 -4.04
C ALA A 167 -19.18 -6.32 -3.68
N GLU A 168 -20.05 -6.19 -4.69
CA GLU A 168 -21.48 -6.33 -4.46
C GLU A 168 -21.94 -7.72 -4.45
N ASP A 169 -21.49 -8.57 -5.38
CA ASP A 169 -22.16 -9.85 -5.44
C ASP A 169 -21.40 -10.96 -4.79
N GLU A 170 -20.08 -10.84 -4.75
CA GLU A 170 -19.34 -11.95 -4.17
C GLU A 170 -19.07 -11.68 -2.68
N VAL A 171 -18.74 -10.46 -2.29
CA VAL A 171 -18.35 -10.36 -0.88
C VAL A 171 -19.16 -9.30 -0.08
N GLN A 172 -20.23 -8.76 -0.67
CA GLN A 172 -21.10 -7.85 0.06
C GLN A 172 -20.35 -6.85 0.90
N LEU A 173 -19.49 -6.10 0.27
CA LEU A 173 -18.54 -5.28 0.92
C LEU A 173 -19.29 -4.11 1.61
N TYR A 174 -20.45 -3.76 1.06
CA TYR A 174 -21.28 -2.72 1.71
C TYR A 174 -22.78 -3.08 1.58
N PRO A 175 -23.61 -2.63 2.56
CA PRO A 175 -25.07 -2.80 2.51
C PRO A 175 -25.72 -2.22 1.23
N PHE A 182 -19.91 3.05 -4.34
CA PHE A 182 -18.55 2.49 -4.53
C PHE A 182 -17.74 3.05 -5.74
N ASP A 183 -16.55 3.61 -5.47
CA ASP A 183 -15.74 4.17 -6.60
C ASP A 183 -14.86 3.17 -7.47
N GLY A 184 -15.50 2.39 -8.38
CA GLY A 184 -14.76 1.36 -9.11
C GLY A 184 -13.76 2.06 -10.02
N PHE A 185 -14.15 3.23 -10.46
CA PHE A 185 -13.32 3.94 -11.44
C PHE A 185 -11.96 4.39 -10.84
N SER A 186 -12.02 4.93 -9.62
CA SER A 186 -10.74 5.34 -9.00
C SER A 186 -9.82 4.16 -8.72
N VAL A 187 -10.36 3.06 -8.21
CA VAL A 187 -9.48 1.91 -8.02
C VAL A 187 -8.96 1.32 -9.35
N GLY A 188 -9.83 1.30 -10.39
CA GLY A 188 -9.33 0.95 -11.71
C GLY A 188 -8.16 1.74 -12.18
N ARG A 189 -8.25 3.08 -12.16
CA ARG A 189 -7.12 3.91 -12.61
C ARG A 189 -5.86 3.62 -11.82
N TYR A 190 -6.08 3.38 -10.55
CA TYR A 190 -4.96 3.19 -9.63
C TYR A 190 -4.19 1.94 -10.06
N MET A 191 -4.92 0.84 -10.15
CA MET A 191 -4.29 -0.42 -10.44
C MET A 191 -3.71 -0.47 -11.89
N VAL A 192 -4.45 0.10 -12.86
CA VAL A 192 -3.89 0.07 -14.25
C VAL A 192 -2.66 0.92 -14.33
N GLY A 193 -2.67 2.08 -13.65
CA GLY A 193 -1.48 2.91 -13.66
C GLY A 193 -0.29 2.29 -12.94
N CYS A 194 -0.58 1.49 -11.92
CA CYS A 194 0.50 0.88 -11.16
C CYS A 194 1.05 -0.41 -11.72
N HIS A 195 0.33 -1.03 -12.69
CA HIS A 195 0.72 -2.34 -13.17
C HIS A 195 0.63 -2.37 -14.75
N PRO A 196 1.37 -1.50 -15.41
CA PRO A 196 1.25 -1.40 -16.89
C PRO A 196 1.61 -2.72 -17.60
N ASP A 197 2.41 -3.56 -16.96
CA ASP A 197 2.71 -4.84 -17.55
C ASP A 197 1.72 -6.03 -17.28
N ALA A 198 0.49 -5.80 -16.74
CA ALA A 198 -0.37 -6.89 -16.34
C ALA A 198 -0.76 -7.58 -17.74
N PRO A 199 -0.61 -8.90 -17.90
CA PRO A 199 -1.02 -9.45 -19.24
C PRO A 199 -2.50 -9.38 -19.43
N THR A 200 -3.34 -9.44 -18.38
CA THR A 200 -4.76 -9.39 -18.54
C THR A 200 -5.43 -8.61 -17.44
N VAL A 201 -6.69 -8.38 -17.63
CA VAL A 201 -7.51 -7.81 -16.54
C VAL A 201 -7.65 -8.79 -15.40
N ASP A 202 -7.70 -10.08 -15.66
CA ASP A 202 -7.72 -11.07 -14.57
C ASP A 202 -6.47 -10.90 -13.63
N HIS A 203 -5.27 -10.73 -14.22
CA HIS A 203 -4.04 -10.44 -13.42
C HIS A 203 -4.23 -9.12 -12.65
N LEU A 204 -4.70 -8.06 -13.32
CA LEU A 204 -5.02 -6.79 -12.58
C LEU A 204 -5.94 -7.05 -11.39
N MET A 205 -6.96 -7.86 -11.58
CA MET A 205 -7.91 -8.14 -10.52
C MET A 205 -7.33 -8.80 -9.27
N LEU A 206 -6.30 -9.58 -9.43
CA LEU A 206 -5.61 -10.15 -8.26
C LEU A 206 -5.24 -9.01 -7.28
N ALA A 207 -4.64 -7.96 -7.78
CA ALA A 207 -4.11 -6.85 -6.96
C ALA A 207 -5.21 -5.97 -6.52
N THR A 208 -6.20 -5.80 -7.40
CA THR A 208 -7.34 -4.96 -7.10
C THR A 208 -8.22 -5.44 -5.99
N ARG A 209 -8.58 -6.70 -5.97
CA ARG A 209 -9.42 -7.22 -4.88
C ARG A 209 -8.54 -7.09 -3.54
N LEU A 210 -7.29 -7.47 -3.61
CA LEU A 210 -6.47 -7.38 -2.30
C LEU A 210 -6.40 -5.91 -1.80
N MET A 211 -6.21 -4.96 -2.70
CA MET A 211 -6.17 -3.59 -2.30
C MET A 211 -7.49 -3.11 -1.74
N VAL A 212 -8.60 -3.55 -2.31
CA VAL A 212 -9.92 -3.10 -1.80
C VAL A 212 -10.18 -3.78 -0.46
N ALA A 213 -9.71 -5.02 -0.36
CA ALA A 213 -9.91 -5.78 0.90
C ALA A 213 -9.00 -5.04 1.98
N GLU A 214 -7.74 -4.67 1.65
CA GLU A 214 -6.97 -3.95 2.70
C GLU A 214 -7.71 -2.66 3.14
N ASN A 215 -8.37 -1.97 2.20
CA ASN A 215 -9.11 -0.77 2.52
C ASN A 215 -10.32 -0.99 3.34
N ALA A 216 -10.92 -2.15 3.28
CA ALA A 216 -12.06 -2.48 4.04
C ALA A 216 -11.61 -2.72 5.50
N VAL A 217 -10.43 -3.28 5.71
CA VAL A 217 -9.94 -3.52 7.06
C VAL A 217 -9.64 -2.15 7.70
N ASP A 218 -8.72 -1.40 7.05
CA ASP A 218 -8.24 -0.05 7.46
C ASP A 218 -9.43 0.94 7.76
N ASP A 219 -10.47 0.98 6.90
CA ASP A 219 -11.68 1.80 7.21
C ASP A 219 -12.73 1.21 8.23
N CYS A 220 -12.81 -0.12 8.30
CA CYS A 220 -13.81 -0.74 9.14
C CYS A 220 -13.23 -1.08 10.56
N TYR A 221 -11.91 -1.33 10.65
CA TYR A 221 -11.24 -1.59 11.97
C TYR A 221 -10.31 -0.46 12.50
N CYS A 222 -9.71 0.30 11.57
CA CYS A 222 -8.73 1.36 11.92
C CYS A 222 -9.40 2.73 11.80
N SER A 228 -12.07 3.60 18.58
CA SER A 228 -11.08 3.08 19.57
C SER A 228 -10.03 2.07 19.03
N PRO A 229 -8.72 2.45 19.09
CA PRO A 229 -7.78 1.39 18.73
C PRO A 229 -7.68 0.29 19.85
N VAL A 230 -8.35 0.41 21.00
CA VAL A 230 -8.22 -0.69 21.98
C VAL A 230 -8.81 -1.90 21.27
N GLY A 231 -8.22 -3.06 21.45
CA GLY A 231 -9.00 -4.15 20.84
C GLY A 231 -8.47 -4.48 19.44
N LEU A 232 -7.76 -3.49 18.89
CA LEU A 232 -7.28 -3.67 17.47
C LEU A 232 -6.50 -4.94 17.27
N GLY A 233 -5.62 -5.30 18.21
CA GLY A 233 -4.68 -6.45 17.97
C GLY A 233 -5.50 -7.74 17.83
N GLY A 234 -6.67 -7.82 18.56
CA GLY A 234 -7.50 -9.02 18.38
C GLY A 234 -8.24 -9.09 17.06
N ARG A 235 -8.80 -7.95 16.64
CA ARG A 235 -9.51 -7.84 15.34
C ARG A 235 -8.58 -8.13 14.20
N LEU A 236 -7.35 -7.63 14.28
CA LEU A 236 -6.49 -7.77 13.12
C LEU A 236 -5.98 -9.21 13.07
N LEU A 237 -5.70 -9.84 14.21
CA LEU A 237 -5.14 -11.17 14.14
C LEU A 237 -6.29 -12.04 13.51
N LEU A 238 -7.54 -11.88 13.92
CA LEU A 238 -8.57 -12.76 13.33
C LEU A 238 -8.72 -12.50 11.86
N ALA A 239 -8.57 -11.24 11.45
CA ALA A 239 -8.68 -10.97 10.00
C ALA A 239 -7.46 -11.54 9.26
N HIS A 240 -6.31 -11.55 9.95
CA HIS A 240 -5.09 -12.15 9.34
C HIS A 240 -5.23 -13.65 9.01
N THR A 241 -6.06 -14.34 9.78
CA THR A 241 -6.30 -15.75 9.56
C THR A 241 -7.08 -15.96 8.25
N ALA A 242 -7.64 -14.91 7.65
CA ALA A 242 -8.18 -15.02 6.31
C ALA A 242 -7.07 -15.07 5.21
N ILE A 243 -5.86 -14.73 5.59
CA ILE A 243 -4.71 -14.60 4.66
C ILE A 243 -3.80 -15.80 5.01
N ASP A 244 -3.60 -16.06 6.31
CA ASP A 244 -2.71 -17.16 6.76
C ASP A 244 -3.55 -18.09 7.58
N HIS A 245 -4.03 -19.20 6.99
CA HIS A 245 -5.16 -19.94 7.62
C HIS A 245 -4.91 -20.59 8.96
N PHE A 246 -5.97 -20.70 9.76
CA PHE A 246 -5.96 -21.35 11.02
C PHE A 246 -5.95 -22.85 10.71
N HIS A 247 -5.17 -23.62 11.50
CA HIS A 247 -5.14 -25.11 11.41
C HIS A 247 -5.48 -25.63 12.76
N SER A 248 -6.57 -26.44 12.90
CA SER A 248 -6.95 -26.78 14.26
C SER A 248 -7.72 -28.21 14.24
N THR A 249 -8.50 -28.44 15.29
CA THR A 249 -9.17 -29.74 15.44
C THR A 249 -10.47 -29.77 14.61
N ALA A 250 -11.04 -30.98 14.44
CA ALA A 250 -12.27 -31.09 13.64
C ALA A 250 -13.38 -30.27 14.34
N GLU A 251 -13.27 -30.10 15.64
CA GLU A 251 -14.26 -29.31 16.31
C GLU A 251 -14.17 -27.81 16.05
N TYR A 252 -12.94 -27.23 16.12
CA TYR A 252 -12.83 -25.74 16.13
C TYR A 252 -12.67 -25.12 14.75
N THR A 253 -12.15 -25.89 13.82
CA THR A 253 -11.96 -25.41 12.43
C THR A 253 -13.23 -24.83 11.82
N PRO A 254 -14.35 -25.59 11.81
CA PRO A 254 -15.60 -25.02 11.19
C PRO A 254 -16.11 -23.77 11.88
N THR A 255 -15.99 -23.64 13.18
CA THR A 255 -16.31 -22.30 13.77
C THR A 255 -15.45 -21.08 13.24
N TRP A 256 -14.12 -21.28 13.11
CA TRP A 256 -13.30 -20.32 12.40
C TRP A 256 -13.76 -20.14 11.00
N GLN A 257 -14.09 -21.27 10.33
CA GLN A 257 -14.42 -21.09 8.89
C GLN A 257 -15.67 -20.18 8.79
N ALA A 258 -16.63 -20.39 9.62
CA ALA A 258 -17.84 -19.51 9.67
C ALA A 258 -17.49 -18.03 9.94
N SER A 259 -16.44 -17.79 10.75
CA SER A 259 -16.08 -16.43 11.11
C SER A 259 -15.63 -15.73 9.79
N LEU A 260 -15.11 -16.49 8.84
CA LEU A 260 -14.56 -15.83 7.66
C LEU A 260 -15.74 -15.18 6.87
N ALA A 261 -16.98 -15.63 7.14
CA ALA A 261 -18.14 -14.95 6.47
C ALA A 261 -18.67 -13.70 7.24
N ALA A 262 -18.06 -13.34 8.39
CA ALA A 262 -18.77 -12.57 9.37
C ALA A 262 -18.73 -11.11 9.17
N ASP A 263 -17.80 -10.60 8.40
CA ASP A 263 -17.85 -9.21 8.16
C ASP A 263 -17.21 -8.81 6.85
N ALA A 264 -17.29 -7.53 6.49
CA ALA A 264 -16.86 -7.20 5.14
C ALA A 264 -15.36 -7.49 5.02
N PRO A 265 -14.61 -7.05 6.03
CA PRO A 265 -13.17 -7.20 5.88
C PRO A 265 -12.78 -8.68 5.74
N ARG A 266 -13.37 -9.62 6.46
CA ARG A 266 -12.85 -10.95 6.36
C ARG A 266 -13.38 -11.63 5.12
N ARG A 267 -14.57 -11.26 4.70
CA ARG A 267 -15.06 -11.77 3.38
C ARG A 267 -14.21 -11.26 2.26
N ALA A 268 -13.94 -9.96 2.25
CA ALA A 268 -13.01 -9.38 1.26
C ALA A 268 -11.64 -10.14 1.20
N TYR A 269 -10.95 -10.28 2.35
CA TYR A 269 -9.69 -11.02 2.41
C TYR A 269 -9.85 -12.43 2.00
N ASP A 270 -10.79 -13.14 2.54
CA ASP A 270 -10.79 -14.54 2.30
C ASP A 270 -10.98 -14.77 0.77
N SER A 271 -11.93 -14.05 0.19
CA SER A 271 -12.12 -14.15 -1.28
C SER A 271 -10.92 -13.66 -2.09
N ALA A 272 -10.39 -12.48 -1.81
CA ALA A 272 -9.30 -11.95 -2.53
C ALA A 272 -8.07 -12.83 -2.46
N MET A 273 -7.67 -13.27 -1.25
CA MET A 273 -6.56 -14.20 -1.05
C MET A 273 -6.86 -15.53 -1.86
N GLY A 274 -8.07 -16.04 -1.82
CA GLY A 274 -8.42 -17.22 -2.55
C GLY A 274 -8.01 -17.10 -4.03
N TYR A 275 -8.38 -16.01 -4.68
CA TYR A 275 -7.99 -15.82 -6.10
C TYR A 275 -6.50 -15.74 -6.20
N PHE A 276 -5.85 -15.02 -5.26
CA PHE A 276 -4.41 -14.88 -5.38
C PHE A 276 -3.73 -16.21 -5.21
N VAL A 277 -4.17 -17.02 -4.25
CA VAL A 277 -3.42 -18.28 -3.95
C VAL A 277 -3.62 -19.21 -5.25
N ARG A 278 -4.76 -19.11 -5.91
CA ARG A 278 -4.93 -20.08 -7.12
C ARG A 278 -3.99 -19.67 -8.24
N ALA A 279 -3.73 -18.36 -8.41
CA ALA A 279 -2.90 -17.86 -9.45
C ALA A 279 -1.42 -17.83 -9.20
N ALA A 280 -0.99 -17.53 -7.94
CA ALA A 280 0.40 -17.35 -7.74
C ALA A 280 1.11 -18.62 -7.37
N THR A 281 2.44 -18.54 -7.29
CA THR A 281 3.17 -19.70 -6.80
C THR A 281 3.08 -19.70 -5.26
N PRO A 282 3.28 -20.84 -4.63
CA PRO A 282 3.27 -20.90 -3.13
C PRO A 282 4.30 -19.89 -2.55
N SER A 283 5.48 -19.72 -3.17
CA SER A 283 6.42 -18.70 -2.71
C SER A 283 5.89 -17.31 -2.79
N GLN A 284 5.23 -16.96 -3.90
CA GLN A 284 4.53 -15.70 -4.01
C GLN A 284 3.43 -15.51 -2.95
N SER A 285 2.64 -16.54 -2.67
CA SER A 285 1.60 -16.42 -1.59
C SER A 285 2.28 -16.22 -0.23
N ASP A 286 3.31 -17.00 0.09
CA ASP A 286 3.97 -16.84 1.42
C ASP A 286 4.56 -15.45 1.54
N ARG A 287 5.19 -14.94 0.47
CA ARG A 287 5.75 -13.64 0.49
C ARG A 287 4.66 -12.57 0.82
N TYR A 288 3.46 -12.69 0.20
CA TYR A 288 2.39 -11.73 0.45
C TYR A 288 1.97 -11.85 1.92
N ARG A 289 1.88 -13.05 2.47
CA ARG A 289 1.42 -13.19 3.85
C ARG A 289 2.45 -12.45 4.79
N HIS A 290 3.73 -12.59 4.47
CA HIS A 290 4.72 -11.90 5.33
C HIS A 290 4.55 -10.41 5.19
N ASP A 291 4.33 -9.88 3.97
CA ASP A 291 4.15 -8.44 3.82
C ASP A 291 2.89 -7.95 4.54
N MET A 292 1.89 -8.81 4.62
CA MET A 292 0.63 -8.43 5.35
C MET A 292 0.89 -8.49 6.87
N ALA A 293 1.66 -9.50 7.36
CA ALA A 293 2.00 -9.51 8.79
C ALA A 293 2.74 -8.21 9.11
N ARG A 294 3.69 -7.82 8.25
CA ARG A 294 4.38 -6.47 8.48
C ARG A 294 3.35 -5.36 8.56
N LEU A 295 2.43 -5.28 7.61
CA LEU A 295 1.48 -4.20 7.60
C LEU A 295 0.68 -4.16 8.91
N HIS A 296 0.25 -5.34 9.37
CA HIS A 296 -0.63 -5.39 10.55
C HIS A 296 0.20 -4.99 11.77
N LEU A 297 1.47 -5.35 11.78
CA LEU A 297 2.34 -4.91 12.94
C LEU A 297 2.44 -3.44 12.88
N GLY A 298 2.60 -2.86 11.70
CA GLY A 298 2.63 -1.41 11.54
C GLY A 298 1.37 -0.68 12.01
N TYR A 299 0.19 -1.19 11.65
CA TYR A 299 -1.03 -0.59 12.09
C TYR A 299 -1.08 -0.63 13.63
N LEU A 300 -0.62 -1.76 14.19
CA LEU A 300 -0.79 -1.89 15.64
C LEU A 300 0.21 -0.98 16.39
N ALA A 301 1.41 -0.70 15.86
CA ALA A 301 2.27 0.37 16.51
C ALA A 301 1.57 1.69 16.45
N GLU A 302 1.08 2.06 15.28
CA GLU A 302 0.36 3.29 15.18
C GLU A 302 -0.85 3.36 16.11
N GLY A 303 -1.61 2.29 16.26
CA GLY A 303 -2.82 2.31 17.08
C GLY A 303 -2.35 2.42 18.57
N ALA A 304 -1.22 1.79 18.95
CA ALA A 304 -0.78 1.79 20.37
C ALA A 304 -0.41 3.26 20.72
N TRP A 305 0.25 3.94 19.80
CA TRP A 305 0.68 5.38 20.09
C TRP A 305 -0.53 6.24 20.11
N ALA A 306 -1.50 5.94 19.27
CA ALA A 306 -2.74 6.70 19.32
C ALA A 306 -3.51 6.55 20.59
N GLN A 307 -3.40 5.42 21.26
CA GLN A 307 -4.20 5.19 22.49
C GLN A 307 -3.66 6.13 23.60
N THR A 308 -2.40 6.48 23.53
CA THR A 308 -1.86 7.48 24.51
C THR A 308 -1.49 8.82 23.95
N GLY A 309 -1.89 9.11 22.75
CA GLY A 309 -1.49 10.39 22.20
C GLY A 309 0.03 10.48 22.10
N HIS A 310 0.84 9.37 22.14
CA HIS A 310 2.28 9.45 21.97
C HIS A 310 2.73 9.99 20.64
N VAL A 311 3.67 10.95 20.64
CA VAL A 311 4.30 11.37 19.42
C VAL A 311 5.68 10.80 19.41
N PRO A 312 5.96 9.89 18.43
CA PRO A 312 7.26 9.24 18.47
C PRO A 312 8.37 10.17 17.93
N GLU A 313 9.62 9.78 18.08
CA GLU A 313 10.70 10.55 17.47
C GLU A 313 10.49 10.37 15.97
N VAL A 314 11.13 11.22 15.16
CA VAL A 314 10.99 11.08 13.73
C VAL A 314 11.44 9.71 13.22
N TRP A 315 12.59 9.21 13.66
CA TRP A 315 13.04 7.96 13.12
C TRP A 315 12.04 6.81 13.49
N GLU A 316 11.44 6.94 14.66
CA GLU A 316 10.46 5.97 15.19
C GLU A 316 9.20 6.00 14.35
N TYR A 317 8.73 7.19 14.03
CA TYR A 317 7.59 7.30 13.09
C TYR A 317 8.00 6.60 11.75
N LEU A 318 9.18 6.90 11.20
CA LEU A 318 9.55 6.42 9.91
C LEU A 318 9.68 4.87 10.07
N ALA A 319 10.17 4.33 11.20
CA ALA A 319 10.29 2.83 11.33
C ALA A 319 8.84 2.26 11.29
N MET A 320 7.90 2.83 12.03
CA MET A 320 6.51 2.36 11.99
C MET A 320 6.00 2.41 10.52
N ARG A 321 6.32 3.49 9.83
CA ARG A 321 5.78 3.69 8.47
C ARG A 321 6.53 2.83 7.47
N GLN A 322 7.65 2.23 7.85
CA GLN A 322 8.26 1.21 6.96
C GLN A 322 7.37 -0.05 6.92
N PHE A 323 6.61 -0.28 8.01
CA PHE A 323 5.77 -1.51 8.11
C PHE A 323 4.34 -1.17 7.70
N ASN A 324 3.82 -0.10 8.24
CA ASN A 324 2.46 0.41 7.92
C ASN A 324 2.64 1.17 6.63
N ASN A 325 2.50 0.45 5.44
CA ASN A 325 3.25 0.93 4.34
C ASN A 325 2.57 0.25 3.07
N PHE A 326 2.71 0.87 1.91
CA PHE A 326 2.14 0.25 0.63
C PHE A 326 2.77 -1.02 0.22
N ARG A 327 3.92 -1.34 0.81
CA ARG A 327 4.74 -2.53 0.44
C ARG A 327 3.99 -3.78 -0.08
N PRO A 328 2.87 -4.18 0.54
CA PRO A 328 2.40 -5.48 -0.03
C PRO A 328 1.83 -5.25 -1.47
N CYS A 329 1.65 -4.04 -1.94
CA CYS A 329 1.05 -3.76 -3.30
C CYS A 329 2.16 -3.86 -4.37
N PRO A 330 3.28 -3.07 -4.30
CA PRO A 330 4.30 -3.29 -5.35
C PRO A 330 4.98 -4.63 -5.27
N THR A 331 5.06 -5.29 -4.12
CA THR A 331 5.83 -6.54 -4.09
C THR A 331 5.00 -7.68 -4.81
N ILE A 332 3.77 -7.43 -5.17
CA ILE A 332 3.05 -8.50 -5.99
C ILE A 332 3.16 -8.19 -7.49
N THR A 333 4.00 -7.25 -7.85
CA THR A 333 4.16 -6.88 -9.26
C THR A 333 4.51 -8.09 -10.17
N ASP A 334 5.36 -8.99 -9.73
CA ASP A 334 5.63 -10.25 -10.51
C ASP A 334 4.39 -11.14 -10.71
N THR A 335 3.65 -11.41 -9.64
CA THR A 335 2.43 -12.19 -9.78
C THR A 335 1.48 -11.51 -10.76
N VAL A 336 1.36 -10.19 -10.67
CA VAL A 336 0.46 -9.47 -11.53
C VAL A 336 1.03 -9.45 -12.98
N GLY A 337 2.33 -9.47 -13.10
CA GLY A 337 3.01 -9.40 -14.40
C GLY A 337 3.06 -10.80 -15.09
N GLY A 338 2.62 -11.84 -14.41
CA GLY A 338 2.57 -13.20 -14.94
C GLY A 338 3.94 -13.87 -14.99
N TYR A 339 4.85 -13.51 -14.10
CA TYR A 339 6.10 -14.26 -13.97
C TYR A 339 6.47 -14.45 -12.45
N GLU A 340 7.66 -14.99 -12.14
CA GLU A 340 7.98 -15.20 -10.75
C GLU A 340 9.38 -14.68 -10.48
N LEU A 341 9.53 -13.76 -9.52
CA LEU A 341 10.89 -13.49 -8.98
C LEU A 341 11.19 -14.66 -8.02
N PRO A 342 12.22 -15.43 -8.28
CA PRO A 342 12.41 -16.64 -7.44
C PRO A 342 12.66 -16.27 -5.96
N ALA A 343 12.26 -17.14 -5.10
CA ALA A 343 12.22 -16.78 -3.63
C ALA A 343 13.62 -16.52 -3.17
N ASP A 344 14.63 -17.28 -3.66
CA ASP A 344 15.97 -17.06 -3.12
C ASP A 344 16.55 -15.73 -3.57
N LEU A 345 16.08 -15.23 -4.69
CA LEU A 345 16.54 -13.93 -5.08
C LEU A 345 15.78 -12.81 -4.33
N HIS A 346 14.47 -13.04 -4.15
CA HIS A 346 13.67 -12.04 -3.36
C HIS A 346 14.31 -11.90 -2.01
N ALA A 347 14.77 -13.00 -1.37
CA ALA A 347 15.31 -12.96 -0.01
C ALA A 347 16.69 -12.32 0.10
N ARG A 348 17.39 -11.98 -1.02
CA ARG A 348 18.73 -11.42 -0.84
C ARG A 348 18.66 -10.14 -0.03
N PRO A 349 19.66 -9.84 0.84
CA PRO A 349 19.60 -8.57 1.57
C PRO A 349 19.55 -7.35 0.68
N ASP A 350 20.22 -7.38 -0.46
CA ASP A 350 20.13 -6.17 -1.28
C ASP A 350 18.77 -5.97 -1.88
N MET A 351 18.14 -7.04 -2.34
CA MET A 351 16.77 -6.89 -2.80
C MET A 351 15.76 -6.44 -1.63
N GLN A 352 15.91 -7.02 -0.47
CA GLN A 352 15.10 -6.54 0.71
C GLN A 352 15.30 -5.03 0.92
N ARG A 353 16.55 -4.51 0.84
CA ARG A 353 16.72 -3.04 0.97
C ARG A 353 16.08 -2.27 -0.16
N VAL A 354 16.19 -2.78 -1.41
CA VAL A 354 15.52 -2.09 -2.50
C VAL A 354 14.02 -1.96 -2.16
N ILE A 355 13.42 -3.13 -1.81
CA ILE A 355 11.92 -3.16 -1.64
C ILE A 355 11.57 -2.15 -0.50
N ALA A 356 12.31 -2.25 0.58
CA ALA A 356 11.99 -1.39 1.73
C ALA A 356 12.05 0.14 1.36
N LEU A 357 13.09 0.57 0.59
CA LEU A 357 13.23 1.96 0.24
C LEU A 357 12.15 2.39 -0.64
N ALA A 358 11.76 1.54 -1.62
CA ALA A 358 10.70 1.94 -2.46
C ALA A 358 9.42 2.08 -1.68
N GLY A 359 9.12 1.09 -0.80
CA GLY A 359 7.84 1.20 -0.06
C GLY A 359 7.93 2.47 0.81
N ASN A 360 9.10 2.74 1.36
CA ASN A 360 9.14 3.88 2.30
C ASN A 360 8.93 5.15 1.57
N ALA A 361 9.55 5.31 0.40
CA ALA A 361 9.31 6.52 -0.37
C ALA A 361 7.88 6.68 -0.82
N THR A 362 7.29 5.61 -1.33
CA THR A 362 6.01 5.83 -1.94
C THR A 362 4.98 5.92 -0.86
N THR A 363 5.33 5.43 0.33
CA THR A 363 4.39 5.66 1.48
C THR A 363 4.46 7.13 2.03
N ILE A 364 5.66 7.73 2.02
CA ILE A 364 5.71 9.14 2.42
C ILE A 364 4.97 10.00 1.38
N VAL A 365 4.89 9.55 0.12
CA VAL A 365 4.01 10.28 -0.84
C VAL A 365 2.63 10.38 -0.34
N ASN A 366 2.11 9.32 0.25
CA ASN A 366 0.81 9.46 0.80
C ASN A 366 0.72 10.47 1.97
N ASP A 367 1.73 10.48 2.83
CA ASP A 367 1.73 11.51 3.95
C ASP A 367 1.64 12.92 3.34
N LEU A 368 2.39 13.17 2.28
CA LEU A 368 2.49 14.57 1.75
C LEU A 368 1.20 14.95 1.05
N TYR A 369 0.61 14.03 0.24
CA TYR A 369 -0.69 14.37 -0.41
C TYR A 369 -1.87 14.38 0.49
N SER A 370 -1.87 13.61 1.57
CA SER A 370 -3.08 13.57 2.36
C SER A 370 -2.98 14.52 3.61
N TYR A 371 -1.89 15.23 3.65
CA TYR A 371 -1.62 16.12 4.80
C TYR A 371 -2.75 17.05 5.13
N THR A 372 -3.24 17.75 4.11
CA THR A 372 -4.30 18.75 4.41
C THR A 372 -5.58 18.15 4.95
N LYS A 373 -5.95 16.98 4.43
CA LYS A 373 -7.18 16.29 4.82
C LYS A 373 -7.15 15.77 6.31
N GLU A 374 -5.92 15.48 6.78
CA GLU A 374 -5.62 14.96 8.11
C GLU A 374 -5.61 16.07 9.22
N LEU A 375 -5.43 17.36 8.81
CA LEU A 375 -5.65 18.54 9.67
C LEU A 375 -7.09 18.62 10.21
N ASN A 376 -8.03 18.13 9.42
CA ASN A 376 -9.45 18.11 9.79
C ASN A 376 -9.87 16.81 10.49
N SER A 377 -9.12 15.72 10.22
CA SER A 377 -9.31 14.41 10.89
C SER A 377 -9.88 14.54 12.33
N PRO A 378 -10.76 13.58 12.73
CA PRO A 378 -11.17 13.39 14.14
C PRO A 378 -9.94 13.17 15.06
N GLY A 379 -9.39 14.28 15.56
CA GLY A 379 -8.24 14.22 16.43
C GLY A 379 -6.93 14.35 15.65
N ARG A 380 -5.84 14.01 16.34
CA ARG A 380 -4.52 14.18 15.72
C ARG A 380 -3.88 12.89 15.11
N HIS A 381 -4.00 12.79 13.79
CA HIS A 381 -3.39 11.74 13.01
C HIS A 381 -1.90 12.02 12.63
N LEU A 382 -0.96 11.10 12.93
CA LEU A 382 0.43 11.32 12.60
C LEU A 382 0.76 11.16 11.10
N ASN A 383 1.60 12.05 10.58
CA ASN A 383 2.26 11.96 9.28
C ASN A 383 3.63 12.58 9.38
N LEU A 384 4.45 12.40 8.37
CA LEU A 384 5.85 12.79 8.55
C LEU A 384 5.95 14.34 8.85
N PRO A 385 5.25 15.21 8.09
CA PRO A 385 5.35 16.66 8.44
C PRO A 385 4.92 16.94 9.90
N VAL A 386 3.84 16.35 10.35
CA VAL A 386 3.34 16.64 11.71
C VAL A 386 4.32 16.16 12.79
N VAL A 387 4.93 15.00 12.59
CA VAL A 387 5.92 14.51 13.56
C VAL A 387 7.18 15.36 13.55
N ILE A 388 7.63 15.76 12.38
CA ILE A 388 8.87 16.59 12.30
C ILE A 388 8.61 17.91 13.02
N ALA A 389 7.43 18.48 12.80
CA ALA A 389 7.11 19.76 13.37
C ALA A 389 7.11 19.60 14.89
N GLU A 390 6.39 18.60 15.40
CA GLU A 390 6.28 18.37 16.87
C GLU A 390 7.56 18.02 17.59
N ARG A 391 8.39 17.19 16.99
CA ARG A 391 9.57 16.72 17.63
C ARG A 391 10.77 17.67 17.46
N GLU A 392 11.05 18.03 16.21
CA GLU A 392 12.10 18.97 15.81
C GLU A 392 11.64 20.44 16.05
N GLN A 393 10.57 20.64 16.83
CA GLN A 393 9.87 21.90 17.04
C GLN A 393 10.15 22.89 15.80
N LEU A 394 9.53 22.66 14.61
CA LEU A 394 9.62 23.51 13.38
C LEU A 394 8.26 24.10 13.05
N CYS A 395 8.19 25.12 12.17
CA CYS A 395 6.84 25.58 11.81
C CYS A 395 6.36 24.53 10.79
N GLU A 396 5.04 24.40 10.69
CA GLU A 396 4.42 23.46 9.73
C GLU A 396 5.06 23.49 8.37
N ARG A 397 5.30 24.68 7.87
CA ARG A 397 5.67 24.77 6.49
C ARG A 397 7.03 24.19 6.36
N ASP A 398 7.91 24.49 7.30
CA ASP A 398 9.27 24.00 7.14
C ASP A 398 9.39 22.46 7.37
N ALA A 399 8.56 21.96 8.28
CA ALA A 399 8.50 20.53 8.63
C ALA A 399 8.01 19.79 7.31
N TYR A 400 7.01 20.38 6.68
CA TYR A 400 6.52 19.85 5.40
C TYR A 400 7.59 19.81 4.33
N LEU A 401 8.26 20.94 4.15
CA LEU A 401 9.30 20.99 3.13
C LEU A 401 10.36 20.05 3.47
N LYS A 402 10.63 19.86 4.76
CA LYS A 402 11.74 18.87 5.06
C LYS A 402 11.24 17.39 4.68
N ALA A 403 9.96 17.20 4.88
CA ALA A 403 9.39 15.86 4.59
C ALA A 403 9.53 15.57 3.13
N VAL A 404 9.41 16.63 2.28
CA VAL A 404 9.61 16.47 0.85
C VAL A 404 11.02 16.07 0.60
N GLU A 405 11.94 16.72 1.34
CA GLU A 405 13.33 16.34 1.11
C GLU A 405 13.62 14.91 1.60
N VAL A 406 13.00 14.47 2.71
CA VAL A 406 13.17 13.07 3.15
C VAL A 406 12.66 12.09 2.03
N HIS A 407 11.51 12.41 1.52
CA HIS A 407 10.95 11.59 0.43
C HIS A 407 11.93 11.48 -0.69
N ASN A 408 12.45 12.64 -1.12
CA ASN A 408 13.41 12.64 -2.26
C ASN A 408 14.64 11.78 -2.06
N GLU A 409 15.22 11.86 -0.86
CA GLU A 409 16.40 11.08 -0.61
C GLU A 409 16.01 9.58 -0.60
N LEU A 410 14.80 9.26 -0.07
CA LEU A 410 14.45 7.81 -0.03
C LEU A 410 14.25 7.35 -1.52
N GLN A 411 13.53 8.15 -2.32
CA GLN A 411 13.30 7.77 -3.75
C GLN A 411 14.61 7.69 -4.57
N HIS A 412 15.53 8.61 -4.33
CA HIS A 412 16.87 8.49 -4.96
C HIS A 412 17.64 7.27 -4.52
N SER A 413 17.62 6.96 -3.20
CA SER A 413 18.35 5.76 -2.76
C SER A 413 17.67 4.50 -3.26
N PHE A 414 16.33 4.49 -3.34
CA PHE A 414 15.67 3.32 -3.92
C PHE A 414 16.23 3.14 -5.40
N GLU A 415 16.24 4.24 -6.17
CA GLU A 415 16.75 4.15 -7.57
C GLU A 415 18.17 3.70 -7.66
N ALA A 416 19.06 4.21 -6.80
CA ALA A 416 20.45 3.74 -6.83
C ALA A 416 20.60 2.30 -6.44
N ALA A 417 19.80 1.85 -5.45
CA ALA A 417 19.93 0.48 -4.94
C ALA A 417 19.44 -0.52 -6.05
N ALA A 418 18.38 -0.16 -6.71
CA ALA A 418 17.84 -0.99 -7.79
C ALA A 418 18.82 -0.99 -9.00
N ALA A 419 19.38 0.16 -9.34
CA ALA A 419 20.41 0.18 -10.43
C ALA A 419 21.59 -0.74 -10.03
N ASP A 420 22.05 -0.66 -8.76
CA ASP A 420 23.14 -1.54 -8.36
C ASP A 420 22.80 -2.98 -8.44
N LEU A 421 21.55 -3.33 -8.08
CA LEU A 421 21.27 -4.78 -8.06
C LEU A 421 21.01 -5.22 -9.51
N ALA A 422 20.46 -4.35 -10.31
CA ALA A 422 20.26 -4.77 -11.73
C ALA A 422 21.66 -5.12 -12.40
N GLU A 423 22.69 -4.43 -12.01
CA GLU A 423 24.04 -4.69 -12.52
C GLU A 423 24.61 -5.93 -11.84
N ALA A 424 24.36 -6.13 -10.55
CA ALA A 424 24.94 -7.26 -9.85
C ALA A 424 24.27 -8.55 -10.19
N CYS A 425 23.01 -8.49 -10.59
CA CYS A 425 22.34 -9.71 -10.74
C CYS A 425 21.36 -9.52 -11.89
N PRO A 426 21.89 -9.49 -13.14
CA PRO A 426 21.00 -9.05 -14.26
C PRO A 426 20.16 -10.16 -14.80
N LEU A 427 19.62 -11.07 -13.96
CA LEU A 427 18.69 -12.10 -14.41
C LEU A 427 17.37 -11.52 -14.83
N PRO A 428 16.75 -12.08 -15.86
CA PRO A 428 15.59 -11.39 -16.36
C PRO A 428 14.46 -11.16 -15.29
N PRO A 429 14.16 -12.15 -14.45
CA PRO A 429 13.00 -11.91 -13.53
C PRO A 429 13.38 -10.81 -12.53
N VAL A 430 14.66 -10.70 -12.22
CA VAL A 430 15.15 -9.65 -11.28
C VAL A 430 14.91 -8.33 -11.97
N LEU A 431 15.28 -8.24 -13.24
CA LEU A 431 15.19 -6.96 -13.93
C LEU A 431 13.77 -6.56 -14.11
N ARG A 432 12.94 -7.53 -14.37
CA ARG A 432 11.53 -7.21 -14.58
C ARG A 432 10.82 -6.74 -13.25
N PHE A 433 11.18 -7.44 -12.23
CA PHE A 433 10.63 -7.15 -10.86
C PHE A 433 11.09 -5.71 -10.45
N LEU A 434 12.38 -5.37 -10.64
CA LEU A 434 12.83 -3.99 -10.36
C LEU A 434 12.11 -2.96 -11.17
N ARG A 435 11.91 -3.26 -12.44
CA ARG A 435 11.12 -2.32 -13.17
C ARG A 435 9.70 -2.29 -12.74
N GLY A 436 9.13 -3.43 -12.40
CA GLY A 436 7.73 -3.37 -11.99
C GLY A 436 7.53 -2.62 -10.59
N VAL A 437 8.46 -2.78 -9.69
CA VAL A 437 8.39 -1.90 -8.44
C VAL A 437 8.48 -0.39 -8.74
N ALA A 438 9.41 0.00 -9.61
CA ALA A 438 9.45 1.39 -10.04
C ALA A 438 8.22 1.85 -10.74
N ALA A 439 7.61 1.00 -11.56
CA ALA A 439 6.35 1.41 -12.17
C ALA A 439 5.28 1.58 -11.13
N TRP A 440 5.24 0.69 -10.13
CA TRP A 440 4.13 0.76 -9.15
C TRP A 440 4.35 2.11 -8.39
N VAL A 441 5.61 2.38 -8.09
CA VAL A 441 5.91 3.58 -7.30
C VAL A 441 5.47 4.85 -8.12
N ASP A 442 5.83 4.89 -9.41
CA ASP A 442 5.49 6.06 -10.23
C ASP A 442 4.02 6.15 -10.36
N GLY A 443 3.37 4.99 -10.54
CA GLY A 443 1.91 5.00 -10.67
C GLY A 443 1.19 5.42 -9.40
N ASN A 444 1.80 5.07 -8.27
CA ASN A 444 1.14 5.46 -6.99
C ASN A 444 1.28 7.02 -6.84
N HIS A 445 2.45 7.51 -7.25
CA HIS A 445 2.59 9.00 -7.19
C HIS A 445 1.54 9.68 -8.07
N ASP A 446 1.37 9.16 -9.30
CA ASP A 446 0.43 9.80 -10.23
C ASP A 446 -1.01 9.71 -9.72
N TRP A 447 -1.38 8.58 -9.11
CA TRP A 447 -2.71 8.55 -8.60
C TRP A 447 -2.94 9.55 -7.48
N HIS A 448 -1.93 9.73 -6.62
CA HIS A 448 -2.04 10.75 -5.59
C HIS A 448 -2.20 12.17 -6.20
N ARG A 449 -1.34 12.46 -7.19
CA ARG A 449 -1.36 13.73 -7.89
C ARG A 449 -2.72 13.94 -8.53
N THR A 450 -3.27 12.91 -9.19
CA THR A 450 -4.50 13.18 -9.97
C THR A 450 -5.63 13.27 -9.06
N ASN A 451 -5.45 12.79 -7.85
CA ASN A 451 -6.42 13.02 -6.77
C ASN A 451 -6.43 14.39 -6.03
N THR A 452 -5.42 15.26 -6.26
CA THR A 452 -5.46 16.70 -5.82
C THR A 452 -6.65 17.55 -6.37
N TYR A 453 -7.38 16.95 -7.31
CA TYR A 453 -8.65 17.50 -7.75
C TYR A 453 -9.67 17.31 -6.63
N ARG A 454 -9.45 16.37 -5.73
CA ARG A 454 -10.33 16.22 -4.58
C ARG A 454 -9.80 16.88 -3.32
N TYR A 455 -8.49 16.74 -3.10
CA TYR A 455 -7.87 17.02 -1.79
C TYR A 455 -6.69 17.93 -2.00
N SER A 456 -6.79 19.16 -1.50
CA SER A 456 -5.82 20.15 -1.87
C SER A 456 -4.42 19.96 -1.24
N LEU A 457 -3.44 20.53 -1.89
CA LEU A 457 -2.16 20.71 -1.30
C LEU A 457 -2.21 21.91 -0.30
N PRO A 458 -1.37 21.84 0.74
CA PRO A 458 -1.20 23.06 1.53
C PRO A 458 -0.54 24.23 0.73
N ASP A 459 -0.81 25.45 1.21
CA ASP A 459 -0.27 26.66 0.61
C ASP A 459 1.08 27.03 1.19
N PHE A 460 2.14 26.42 0.71
CA PHE A 460 3.45 26.56 1.36
C PHE A 460 4.40 26.98 0.29
N TRP A 461 3.84 27.23 -0.88
CA TRP A 461 4.76 27.70 -1.89
C TRP A 461 4.24 28.99 -2.54
#